data_9KL6
#
_entry.id   9KL6
#
_cell.length_a   96.965
_cell.length_b   96.965
_cell.length_c   188.258
_cell.angle_alpha   90.00
_cell.angle_beta   90.00
_cell.angle_gamma   120.00
#
_symmetry.space_group_name_H-M   'P 63 2 2'
#
loop_
_entity.id
_entity.type
_entity.pdbx_description
1 polymer 'NADP-specific glutamate dehydrogenase'
2 non-polymer 'NADP NICOTINAMIDE-ADENINE-DINUCLEOTIDE PHOSPHATE'
3 non-polymer 'SULFATE ION'
4 non-polymer '(2Z)-2-iminopentanedioic acid'
5 non-polymer GLYCEROL
6 water water
#
_entity_poly.entity_id   1
_entity_poly.type   'polypeptide(L)'
_entity_poly.pdbx_seq_one_letter_code
;MKHHHHHHHHGGLVPRGSHGGSSTPYEPEFQQAYKEIVGSIESSKLFEVHPELKRVLPIISIPERVLEFRVTWEDDKGNC
RVNTGYRVQFNSALGPYKGGLRFHPSVNLSILKFLGFEQIFKNALTGLPMGGGKGGSDFDPKGKSDNEIRRFSQAFMRQL
FRYIGPQTDVPAGDIGVTGFVVMHMFGEYKRLRNEYSGVVTGKHMLTGGSNIRPEATGYGVVYYVKHMIEHRTKGAETLK
GKRVAISGSGNVAQYAALKCIQEGAIVKSISDSKGVLIAKTAEGLVPEEIHEIMALKEKRASIADSASLCKKHHYIAGAR
PWTNVGEIDIALPCATQNEVSGEEAAALIKQGCRYVAEGSNMGSSAEAVEVFEKSRASGEGCWLAPGKAANAGGVAVSGL
EMAQNAQFSTWTHAEVDAKLAGIMQNIFEQSTDVASKYCDSGSNNIPSLVDGANIAGFLKVATAMQAVGDWW
;
_entity_poly.pdbx_strand_id   A
#
loop_
_chem_comp.id
_chem_comp.type
_chem_comp.name
_chem_comp.formula
2IT non-polymer '(2Z)-2-iminopentanedioic acid' 'C5 H7 N O4'
GOL non-polymer GLYCEROL 'C3 H8 O3'
NAP non-polymer 'NADP NICOTINAMIDE-ADENINE-DINUCLEOTIDE PHOSPHATE' 'C21 H28 N7 O17 P3'
SO4 non-polymer 'SULFATE ION' 'O4 S -2'
#
# COMPACT_ATOMS: atom_id res chain seq x y z
N THR A 24 0.21 26.85 10.55
CA THR A 24 -0.50 25.57 10.28
C THR A 24 -1.00 25.50 8.84
N PRO A 25 -0.46 24.60 7.98
CA PRO A 25 -0.71 24.60 6.53
C PRO A 25 -1.82 23.66 6.05
N TYR A 26 -2.27 23.86 4.80
CA TYR A 26 -3.33 23.04 4.23
C TYR A 26 -2.77 21.72 3.75
N GLU A 27 -3.21 20.63 4.42
CA GLU A 27 -2.67 19.31 4.12
C GLU A 27 -3.85 18.37 3.92
N PRO A 28 -4.55 18.46 2.77
CA PRO A 28 -5.80 17.74 2.63
C PRO A 28 -5.69 16.22 2.75
N GLU A 29 -4.69 15.62 2.11
CA GLU A 29 -4.61 14.18 2.17
C GLU A 29 -4.33 13.71 3.61
N PHE A 30 -3.41 14.40 4.31
CA PHE A 30 -3.14 14.08 5.71
C PHE A 30 -4.41 14.19 6.53
N GLN A 31 -5.13 15.31 6.35
CA GLN A 31 -6.34 15.51 7.10
C GLN A 31 -7.38 14.42 6.80
N GLN A 32 -7.50 14.01 5.53
CA GLN A 32 -8.40 12.94 5.17
C GLN A 32 -8.11 11.66 5.92
N ALA A 33 -6.84 11.29 5.90
CA ALA A 33 -6.44 10.04 6.52
C ALA A 33 -6.64 10.11 8.03
N TYR A 34 -6.25 11.23 8.65
CA TYR A 34 -6.43 11.46 10.07
C TYR A 34 -7.92 11.39 10.46
N LYS A 35 -8.79 12.05 9.70
CA LYS A 35 -10.22 12.11 10.03
C LYS A 35 -10.84 10.71 10.01
N GLU A 36 -10.48 9.87 9.03
CA GLU A 36 -11.03 8.52 8.97
C GLU A 36 -10.59 7.74 10.22
N ILE A 37 -9.31 7.81 10.58
CA ILE A 37 -8.80 7.03 11.71
C ILE A 37 -9.46 7.47 13.02
N VAL A 38 -9.44 8.78 13.24
CA VAL A 38 -9.96 9.33 14.45
C VAL A 38 -11.47 9.10 14.50
N GLY A 39 -12.15 9.14 13.35
CA GLY A 39 -13.58 8.86 13.38
C GLY A 39 -13.92 7.45 13.86
N SER A 40 -13.16 6.46 13.38
CA SER A 40 -13.32 5.08 13.82
C SER A 40 -13.15 5.01 15.34
N ILE A 41 -12.09 5.66 15.83
CA ILE A 41 -11.74 5.58 17.24
C ILE A 41 -12.82 6.28 18.10
N GLU A 42 -13.19 7.50 17.72
CA GLU A 42 -14.06 8.32 18.53
C GLU A 42 -15.50 7.80 18.48
N SER A 43 -15.87 7.09 17.41
CA SER A 43 -17.23 6.55 17.28
C SER A 43 -17.37 5.21 17.98
N SER A 44 -16.26 4.67 18.47
CA SER A 44 -16.24 3.36 19.13
C SER A 44 -16.35 3.55 20.64
N LYS A 45 -16.39 2.42 21.33
CA LYS A 45 -16.39 2.42 22.78
C LYS A 45 -14.99 2.61 23.35
N LEU A 46 -13.94 2.72 22.50
CA LEU A 46 -12.58 2.71 23.04
C LEU A 46 -12.35 3.72 24.17
N PHE A 47 -12.73 5.00 23.95
CA PHE A 47 -12.49 6.06 24.90
C PHE A 47 -13.48 6.06 26.05
N GLU A 48 -14.54 5.25 25.96
CA GLU A 48 -15.38 5.00 27.12
C GLU A 48 -14.65 4.07 28.09
N VAL A 49 -14.00 3.06 27.50
CA VAL A 49 -13.30 2.06 28.30
C VAL A 49 -11.96 2.61 28.79
N HIS A 50 -11.25 3.34 27.91
CA HIS A 50 -9.91 3.84 28.22
C HIS A 50 -9.83 5.34 27.95
N PRO A 51 -10.44 6.20 28.79
CA PRO A 51 -10.55 7.62 28.48
C PRO A 51 -9.21 8.34 28.38
N GLU A 52 -8.19 7.84 29.08
CA GLU A 52 -6.85 8.41 29.04
C GLU A 52 -6.26 8.43 27.62
N LEU A 53 -6.73 7.54 26.74
CA LEU A 53 -6.19 7.47 25.39
C LEU A 53 -6.50 8.70 24.57
N LYS A 54 -7.51 9.48 24.94
CA LYS A 54 -7.82 10.75 24.28
C LYS A 54 -6.58 11.64 24.21
N ARG A 55 -5.68 11.55 25.18
CA ARG A 55 -4.51 12.42 25.27
C ARG A 55 -3.52 12.08 24.17
N VAL A 56 -3.62 10.89 23.59
CA VAL A 56 -2.65 10.46 22.60
C VAL A 56 -2.80 11.20 21.27
N LEU A 57 -4.02 11.58 20.91
CA LEU A 57 -4.30 12.04 19.55
C LEU A 57 -3.47 13.28 19.18
N PRO A 58 -3.38 14.35 20.00
CA PRO A 58 -2.59 15.52 19.63
C PRO A 58 -1.09 15.24 19.51
N ILE A 59 -0.65 14.21 20.18
CA ILE A 59 0.76 13.86 20.19
C ILE A 59 1.09 12.99 18.98
N ILE A 60 0.32 11.90 18.81
CA ILE A 60 0.61 10.93 17.74
C ILE A 60 0.52 11.59 16.37
N SER A 61 -0.30 12.63 16.26
CA SER A 61 -0.53 13.22 14.96
C SER A 61 0.53 14.24 14.55
N ILE A 62 1.50 14.55 15.44
CA ILE A 62 2.68 15.35 15.09
C ILE A 62 3.83 14.36 14.87
N PRO A 63 4.40 14.31 13.65
CA PRO A 63 5.45 13.37 13.40
C PRO A 63 6.56 13.55 14.42
N GLU A 64 7.22 12.44 14.78
CA GLU A 64 8.44 12.55 15.54
C GLU A 64 9.46 13.47 14.88
N ARG A 65 9.61 13.34 13.53
CA ARG A 65 10.55 14.16 12.82
C ARG A 65 10.16 14.20 11.34
N VAL A 66 10.43 15.32 10.68
CA VAL A 66 10.31 15.40 9.23
C VAL A 66 11.63 15.93 8.72
N LEU A 67 12.11 15.31 7.64
CA LEU A 67 13.27 15.82 6.89
C LEU A 67 12.81 16.21 5.50
N GLU A 68 13.21 17.42 5.07
CA GLU A 68 13.14 17.78 3.66
C GLU A 68 14.54 18.12 3.22
N PHE A 69 14.88 17.84 1.97
CA PHE A 69 16.20 18.20 1.50
C PHE A 69 16.16 18.45 -0.01
N ARG A 70 17.02 19.37 -0.41
CA ARG A 70 17.24 19.59 -1.85
C ARG A 70 18.01 18.42 -2.44
N VAL A 71 17.54 17.96 -3.59
CA VAL A 71 18.22 16.92 -4.33
C VAL A 71 18.64 17.48 -5.69
N THR A 72 19.95 17.67 -5.85
CA THR A 72 20.53 18.22 -7.06
C THR A 72 21.19 17.08 -7.83
N TRP A 73 20.90 17.10 -9.14
CA TRP A 73 21.34 16.01 -10.00
C TRP A 73 21.52 16.53 -11.43
N GLU A 74 22.15 15.69 -12.24
CA GLU A 74 22.53 16.05 -13.61
C GLU A 74 21.76 15.19 -14.62
N ASP A 75 21.07 15.85 -15.55
CA ASP A 75 20.36 15.12 -16.60
C ASP A 75 21.32 14.67 -17.70
N ASP A 76 20.77 13.93 -18.68
CA ASP A 76 21.54 13.37 -19.77
C ASP A 76 22.11 14.43 -20.71
N LYS A 77 21.56 15.65 -20.66
CA LYS A 77 22.08 16.77 -21.43
C LYS A 77 23.10 17.59 -20.65
N GLY A 78 23.42 17.18 -19.41
CA GLY A 78 24.39 17.90 -18.61
C GLY A 78 23.80 19.06 -17.79
N ASN A 79 22.48 19.25 -17.76
CA ASN A 79 21.90 20.35 -17.03
C ASN A 79 21.85 20.03 -15.53
N CYS A 80 22.04 21.07 -14.73
CA CYS A 80 21.83 21.03 -13.29
C CYS A 80 20.33 21.02 -12.96
N ARG A 81 19.86 19.92 -12.40
CA ARG A 81 18.45 19.76 -12.08
C ARG A 81 18.24 19.72 -10.57
N VAL A 82 17.02 20.09 -10.14
CA VAL A 82 16.74 20.07 -8.71
C VAL A 82 15.32 19.54 -8.47
N ASN A 83 15.20 18.77 -7.40
CA ASN A 83 13.93 18.26 -6.91
C ASN A 83 13.98 18.27 -5.39
N THR A 84 12.81 18.18 -4.78
CA THR A 84 12.71 18.14 -3.34
C THR A 84 12.53 16.68 -2.90
N GLY A 85 13.30 16.33 -1.86
CA GLY A 85 13.21 15.03 -1.23
C GLY A 85 12.68 15.17 0.20
N TYR A 86 12.14 14.08 0.70
CA TYR A 86 11.53 14.06 2.02
C TYR A 86 11.65 12.70 2.68
N ARG A 87 11.71 12.74 4.04
CA ARG A 87 11.48 11.55 4.83
C ARG A 87 10.74 11.95 6.10
N VAL A 88 9.50 11.45 6.19
CA VAL A 88 8.66 11.64 7.36
C VAL A 88 8.89 10.43 8.25
N GLN A 89 9.38 10.70 9.46
CA GLN A 89 9.61 9.69 10.46
C GLN A 89 8.53 9.83 11.50
N PHE A 90 7.42 9.13 11.27
CA PHE A 90 6.18 9.51 11.99
C PHE A 90 6.16 8.98 13.41
N ASN A 91 6.46 7.69 13.58
CA ASN A 91 6.32 7.05 14.86
C ASN A 91 7.34 5.91 14.94
N SER A 92 8.00 5.77 16.10
CA SER A 92 8.95 4.66 16.31
C SER A 92 8.70 3.96 17.64
N ALA A 93 7.47 3.91 18.12
CA ALA A 93 7.23 3.24 19.40
C ALA A 93 7.45 1.72 19.27
N LEU A 94 7.10 1.11 18.13
CA LEU A 94 7.09 -0.33 17.93
C LEU A 94 8.37 -0.82 17.23
N GLY A 95 9.17 0.10 16.73
CA GLY A 95 10.35 -0.26 16.00
C GLY A 95 10.96 0.92 15.28
N PRO A 96 12.04 0.69 14.50
CA PRO A 96 12.57 1.73 13.62
C PRO A 96 11.52 2.15 12.60
N TYR A 97 11.67 3.38 12.18
CA TYR A 97 10.76 3.88 11.17
C TYR A 97 10.80 2.92 9.98
N LYS A 98 9.67 2.75 9.30
CA LYS A 98 9.61 1.81 8.19
C LYS A 98 8.53 2.27 7.23
N GLY A 99 8.83 2.28 5.93
CA GLY A 99 7.86 2.66 4.91
C GLY A 99 8.60 3.07 3.64
N GLY A 100 7.82 3.11 2.56
CA GLY A 100 8.39 3.26 1.24
C GLY A 100 8.74 4.70 0.86
N LEU A 101 9.35 4.79 -0.33
CA LEU A 101 9.71 6.05 -0.97
C LEU A 101 8.89 6.15 -2.25
N ARG A 102 8.32 7.33 -2.49
CA ARG A 102 7.47 7.59 -3.65
C ARG A 102 8.10 8.67 -4.51
N PHE A 103 8.28 8.34 -5.81
CA PHE A 103 8.73 9.31 -6.79
C PHE A 103 7.56 9.58 -7.75
N HIS A 104 6.95 10.76 -7.60
CA HIS A 104 5.79 11.13 -8.40
C HIS A 104 5.71 12.65 -8.35
N PRO A 105 5.36 13.35 -9.46
CA PRO A 105 5.38 14.81 -9.43
C PRO A 105 4.37 15.45 -8.46
N SER A 106 3.39 14.68 -7.96
CA SER A 106 2.44 15.18 -6.97
C SER A 106 3.05 15.24 -5.56
N VAL A 107 4.14 14.55 -5.32
CA VAL A 107 4.59 14.38 -3.96
C VAL A 107 4.82 15.72 -3.28
N ASN A 108 4.38 15.77 -2.00
CA ASN A 108 4.58 16.93 -1.14
C ASN A 108 4.48 16.40 0.29
N LEU A 109 4.61 17.30 1.28
CA LEU A 109 4.60 16.87 2.66
C LEU A 109 3.25 16.31 3.09
N SER A 110 2.16 16.93 2.60
CA SER A 110 0.84 16.46 2.95
C SER A 110 0.65 14.99 2.57
N ILE A 111 0.98 14.65 1.29
CA ILE A 111 0.80 13.29 0.81
C ILE A 111 1.65 12.33 1.67
N LEU A 112 2.91 12.71 1.89
CA LEU A 112 3.81 11.79 2.59
C LEU A 112 3.42 11.65 4.07
N LYS A 113 2.78 12.69 4.64
CA LYS A 113 2.25 12.55 6.00
C LYS A 113 1.05 11.61 6.05
N PHE A 114 0.12 11.73 5.07
CA PHE A 114 -0.96 10.76 4.95
C PHE A 114 -0.39 9.34 4.99
N LEU A 115 0.56 9.09 4.08
CA LEU A 115 1.07 7.75 3.92
C LEU A 115 1.82 7.29 5.18
N GLY A 116 2.60 8.19 5.75
CA GLY A 116 3.39 7.84 6.95
C GLY A 116 2.51 7.61 8.15
N PHE A 117 1.44 8.39 8.29
CA PHE A 117 0.50 8.18 9.39
C PHE A 117 -0.22 6.83 9.23
N GLU A 118 -0.76 6.55 8.01
CA GLU A 118 -1.32 5.25 7.70
C GLU A 118 -0.35 4.14 8.10
N GLN A 119 0.92 4.35 7.75
CA GLN A 119 1.94 3.32 7.89
C GLN A 119 2.19 2.95 9.34
N ILE A 120 1.99 3.90 10.24
CA ILE A 120 2.12 3.56 11.64
C ILE A 120 1.23 2.36 11.96
N PHE A 121 -0.06 2.52 11.63
CA PHE A 121 -1.09 1.59 12.05
C PHE A 121 -1.02 0.28 11.30
N LYS A 122 -0.76 0.41 9.97
CA LYS A 122 -0.51 -0.76 9.16
C LYS A 122 0.64 -1.58 9.75
N ASN A 123 1.74 -0.96 10.08
CA ASN A 123 2.89 -1.69 10.57
C ASN A 123 2.61 -2.36 11.92
N ALA A 124 1.86 -1.65 12.77
CA ALA A 124 1.41 -2.23 14.02
C ALA A 124 0.62 -3.52 13.81
N LEU A 125 -0.30 -3.52 12.81
CA LEU A 125 -1.14 -4.68 12.51
C LEU A 125 -0.32 -5.92 12.12
N THR A 126 0.82 -5.73 11.47
CA THR A 126 1.61 -6.88 11.01
C THR A 126 2.15 -7.73 12.15
N GLY A 127 2.27 -7.13 13.34
CA GLY A 127 2.87 -7.83 14.46
C GLY A 127 4.39 -7.83 14.47
N LEU A 128 5.00 -7.18 13.48
CA LEU A 128 6.44 -7.13 13.40
C LEU A 128 6.92 -5.80 13.98
N PRO A 129 8.16 -5.75 14.50
CA PRO A 129 8.65 -4.54 15.16
C PRO A 129 9.11 -3.42 14.25
N MET A 130 8.10 -2.69 13.75
CA MET A 130 8.26 -1.64 12.75
C MET A 130 7.45 -0.40 13.12
N GLY A 131 8.16 0.73 13.20
CA GLY A 131 7.56 2.06 13.31
C GLY A 131 7.06 2.49 11.95
N GLY A 132 6.56 3.72 11.84
CA GLY A 132 5.99 4.13 10.55
C GLY A 132 6.64 5.41 10.05
N GLY A 133 6.94 5.36 8.76
CA GLY A 133 7.46 6.52 8.06
C GLY A 133 7.18 6.39 6.57
N LYS A 134 7.50 7.44 5.84
CA LYS A 134 7.34 7.45 4.39
C LYS A 134 8.19 8.57 3.85
N GLY A 135 8.71 8.42 2.60
CA GLY A 135 9.44 9.54 2.04
C GLY A 135 9.30 9.53 0.51
N GLY A 136 10.10 10.36 -0.13
CA GLY A 136 10.05 10.39 -1.59
C GLY A 136 10.49 11.72 -2.14
N SER A 137 10.06 11.98 -3.38
CA SER A 137 10.46 13.16 -4.09
C SER A 137 9.41 13.49 -5.11
N ASP A 138 9.36 14.78 -5.50
CA ASP A 138 8.56 15.19 -6.63
C ASP A 138 9.23 14.89 -7.96
N PHE A 139 10.39 14.27 -7.94
CA PHE A 139 11.04 13.75 -9.14
C PHE A 139 10.05 12.88 -9.89
N ASP A 140 9.96 13.12 -11.21
CA ASP A 140 9.06 12.36 -12.07
C ASP A 140 9.86 11.38 -12.93
N PRO A 141 9.75 10.05 -12.70
CA PRO A 141 10.51 9.09 -13.50
C PRO A 141 10.08 9.03 -14.97
N LYS A 142 8.86 9.46 -15.29
N LYS A 142 8.86 9.47 -15.29
CA LYS A 142 8.37 9.38 -16.66
CA LYS A 142 8.36 9.41 -16.66
C LYS A 142 9.20 10.28 -17.58
C LYS A 142 9.21 10.30 -17.58
N GLY A 143 9.67 9.72 -18.70
CA GLY A 143 10.47 10.45 -19.66
C GLY A 143 11.96 10.45 -19.30
N LYS A 144 12.33 9.93 -18.12
CA LYS A 144 13.73 9.86 -17.71
C LYS A 144 14.35 8.58 -18.21
N SER A 145 15.66 8.64 -18.47
CA SER A 145 16.43 7.45 -18.76
C SER A 145 16.74 6.69 -17.49
N ASP A 146 17.07 5.41 -17.67
CA ASP A 146 17.58 4.62 -16.57
C ASP A 146 18.84 5.27 -15.98
N ASN A 147 19.68 5.90 -16.83
CA ASN A 147 20.87 6.60 -16.36
C ASN A 147 20.52 7.76 -15.43
N GLU A 148 19.53 8.57 -15.83
CA GLU A 148 19.07 9.68 -15.04
C GLU A 148 18.51 9.19 -13.72
N ILE A 149 17.74 8.09 -13.77
CA ILE A 149 17.13 7.55 -12.57
C ILE A 149 18.22 7.03 -11.60
N ARG A 150 19.26 6.37 -12.12
N ARG A 150 19.26 6.38 -12.12
CA ARG A 150 20.38 5.96 -11.28
CA ARG A 150 20.37 5.96 -11.28
C ARG A 150 20.99 7.17 -10.60
C ARG A 150 20.98 7.18 -10.60
N ARG A 151 21.30 8.20 -11.39
CA ARG A 151 21.91 9.42 -10.85
C ARG A 151 21.04 10.09 -9.79
N PHE A 152 19.73 10.19 -10.07
CA PHE A 152 18.83 10.80 -9.10
C PHE A 152 18.85 9.95 -7.83
N SER A 153 18.71 8.64 -7.98
CA SER A 153 18.67 7.75 -6.83
C SER A 153 19.87 7.98 -5.91
N GLN A 154 21.06 8.00 -6.55
CA GLN A 154 22.29 8.21 -5.81
C GLN A 154 22.31 9.56 -5.10
N ALA A 155 21.89 10.63 -5.80
CA ALA A 155 21.86 11.97 -5.22
C ALA A 155 20.91 12.01 -4.02
N PHE A 156 19.74 11.35 -4.17
CA PHE A 156 18.73 11.29 -3.13
C PHE A 156 19.37 10.66 -1.90
N MET A 157 20.02 9.51 -2.10
CA MET A 157 20.60 8.81 -0.95
C MET A 157 21.76 9.60 -0.32
N ARG A 158 22.49 10.39 -1.11
N ARG A 158 22.52 10.36 -1.11
CA ARG A 158 23.54 11.25 -0.57
CA ARG A 158 23.55 11.22 -0.55
C ARG A 158 22.98 12.35 0.34
C ARG A 158 22.94 12.20 0.45
N GLN A 159 21.67 12.61 0.25
CA GLN A 159 21.03 13.48 1.20
C GLN A 159 20.47 12.73 2.40
N LEU A 160 19.94 11.52 2.16
CA LEU A 160 19.16 10.81 3.16
C LEU A 160 20.04 9.99 4.11
N PHE A 161 21.23 9.57 3.70
CA PHE A 161 21.91 8.47 4.38
C PHE A 161 22.11 8.71 5.86
N ARG A 162 22.43 9.94 6.26
CA ARG A 162 22.73 10.21 7.66
C ARG A 162 21.51 10.06 8.58
N TYR A 163 20.30 9.99 8.02
CA TYR A 163 19.06 10.02 8.78
C TYR A 163 18.42 8.62 8.86
N ILE A 164 19.04 7.61 8.24
CA ILE A 164 18.46 6.28 8.17
C ILE A 164 19.48 5.25 8.68
N GLY A 165 19.06 3.99 8.70
CA GLY A 165 19.95 2.92 9.12
C GLY A 165 19.15 1.69 9.49
N PRO A 166 19.82 0.54 9.58
CA PRO A 166 19.13 -0.74 9.78
C PRO A 166 18.33 -0.86 11.07
N GLN A 167 18.73 -0.08 12.08
CA GLN A 167 17.95 -0.05 13.32
C GLN A 167 17.36 1.33 13.59
N THR A 168 17.27 2.16 12.54
CA THR A 168 16.82 3.54 12.67
C THR A 168 15.62 3.81 11.76
N ASP A 169 15.79 3.59 10.45
CA ASP A 169 14.75 3.89 9.47
C ASP A 169 15.11 3.09 8.24
N VAL A 170 14.21 2.19 7.82
CA VAL A 170 14.46 1.25 6.74
C VAL A 170 13.42 1.51 5.63
N PRO A 171 13.84 2.22 4.56
CA PRO A 171 12.93 2.43 3.43
C PRO A 171 12.74 1.22 2.53
N ALA A 172 11.96 1.43 1.46
CA ALA A 172 11.70 0.47 0.40
C ALA A 172 10.96 1.25 -0.70
N GLY A 173 10.41 0.54 -1.69
CA GLY A 173 9.81 1.20 -2.86
C GLY A 173 8.30 1.30 -2.84
N ASP A 174 7.80 2.51 -3.13
CA ASP A 174 6.39 2.80 -3.27
C ASP A 174 6.19 3.24 -4.73
N ILE A 175 5.24 4.12 -5.02
CA ILE A 175 4.98 4.51 -6.39
C ILE A 175 6.27 5.10 -6.97
N GLY A 176 6.64 4.67 -8.18
CA GLY A 176 7.78 5.23 -8.88
C GLY A 176 9.14 4.74 -8.42
N VAL A 177 9.16 3.89 -7.40
CA VAL A 177 10.43 3.41 -6.85
C VAL A 177 10.44 1.89 -6.99
N THR A 178 11.22 1.43 -8.00
CA THR A 178 11.40 0.05 -8.36
C THR A 178 12.60 -0.55 -7.62
N GLY A 179 12.81 -1.85 -7.84
CA GLY A 179 14.01 -2.52 -7.35
C GLY A 179 15.28 -1.83 -7.87
N PHE A 180 15.25 -1.39 -9.14
CA PHE A 180 16.37 -0.63 -9.69
C PHE A 180 16.77 0.56 -8.82
N VAL A 181 15.77 1.34 -8.39
CA VAL A 181 15.98 2.51 -7.54
C VAL A 181 16.44 2.08 -6.14
N VAL A 182 15.72 1.13 -5.56
CA VAL A 182 16.05 0.68 -4.21
C VAL A 182 17.50 0.21 -4.17
N MET A 183 17.92 -0.55 -5.19
CA MET A 183 19.24 -1.13 -5.19
C MET A 183 20.31 -0.07 -5.46
N HIS A 184 20.05 0.92 -6.34
CA HIS A 184 20.95 2.05 -6.42
C HIS A 184 21.12 2.74 -5.06
N MET A 185 20.03 2.89 -4.33
CA MET A 185 20.11 3.52 -3.02
C MET A 185 20.91 2.68 -2.04
N PHE A 186 20.67 1.35 -2.03
CA PHE A 186 21.46 0.46 -1.19
C PHE A 186 22.93 0.62 -1.51
N GLY A 187 23.26 0.55 -2.79
CA GLY A 187 24.66 0.69 -3.17
C GLY A 187 25.28 1.99 -2.67
N GLU A 188 24.56 3.11 -2.80
CA GLU A 188 25.12 4.39 -2.42
C GLU A 188 25.26 4.42 -0.87
N TYR A 189 24.26 3.91 -0.13
CA TYR A 189 24.38 3.89 1.32
C TYR A 189 25.58 3.06 1.74
N LYS A 190 25.72 1.85 1.17
CA LYS A 190 26.76 0.95 1.64
C LYS A 190 28.11 1.61 1.40
N ARG A 191 28.25 2.35 0.29
CA ARG A 191 29.49 3.06 0.00
C ARG A 191 29.75 4.17 1.02
N LEU A 192 28.71 4.96 1.30
CA LEU A 192 28.94 6.16 2.09
C LEU A 192 29.14 5.83 3.57
N ARG A 193 28.44 4.80 4.03
CA ARG A 193 28.57 4.37 5.42
C ARG A 193 29.56 3.22 5.61
N ASN A 194 30.04 2.65 4.51
CA ASN A 194 31.04 1.58 4.60
C ASN A 194 30.57 0.42 5.46
N GLU A 195 29.35 0.00 5.23
CA GLU A 195 28.75 -1.15 5.87
C GLU A 195 27.66 -1.73 4.99
N TYR A 196 27.47 -3.02 5.22
CA TYR A 196 26.56 -3.85 4.43
C TYR A 196 25.51 -4.44 5.35
N SER A 197 24.32 -3.82 5.31
CA SER A 197 23.29 -4.11 6.29
C SER A 197 21.90 -3.90 5.69
N GLY A 198 20.88 -4.26 6.47
CA GLY A 198 19.49 -4.15 6.05
C GLY A 198 18.90 -2.75 6.15
N VAL A 199 19.52 -1.81 5.45
CA VAL A 199 19.16 -0.41 5.49
C VAL A 199 17.90 -0.16 4.69
N VAL A 200 17.69 -0.94 3.64
CA VAL A 200 16.49 -0.88 2.83
C VAL A 200 15.98 -2.31 2.66
N THR A 201 14.70 -2.44 2.33
CA THR A 201 14.13 -3.70 1.91
C THR A 201 13.62 -3.55 0.48
N GLY A 202 13.15 -4.67 -0.10
CA GLY A 202 12.99 -4.71 -1.56
C GLY A 202 14.31 -4.92 -2.29
N LYS A 203 15.33 -5.47 -1.61
CA LYS A 203 16.64 -5.71 -2.23
C LYS A 203 16.60 -6.89 -3.18
N HIS A 204 17.66 -6.90 -4.01
CA HIS A 204 17.94 -7.97 -4.92
C HIS A 204 18.23 -9.25 -4.17
N MET A 205 17.85 -10.40 -4.76
CA MET A 205 18.08 -11.69 -4.10
C MET A 205 19.58 -11.99 -3.87
N LEU A 206 20.51 -11.35 -4.61
CA LEU A 206 21.92 -11.61 -4.37
C LEU A 206 22.46 -10.71 -3.27
N THR A 207 21.65 -9.78 -2.76
CA THR A 207 22.12 -8.73 -1.86
C THR A 207 21.14 -8.56 -0.69
N GLY A 208 20.67 -9.69 -0.15
CA GLY A 208 19.86 -9.69 1.06
C GLY A 208 18.36 -9.50 0.79
N GLY A 209 17.93 -9.75 -0.42
CA GLY A 209 16.52 -9.68 -0.73
C GLY A 209 15.78 -10.87 -0.14
N SER A 210 14.45 -10.72 -0.09
CA SER A 210 13.59 -11.82 0.31
C SER A 210 12.83 -12.34 -0.89
N ASN A 211 12.72 -13.66 -1.00
CA ASN A 211 11.70 -14.25 -1.86
C ASN A 211 10.33 -13.72 -1.48
N ILE A 212 9.43 -13.59 -2.48
CA ILE A 212 8.04 -13.17 -2.28
C ILE A 212 7.94 -11.66 -2.10
N ARG A 213 9.04 -10.91 -1.87
CA ARG A 213 8.83 -9.48 -1.61
C ARG A 213 8.16 -8.80 -2.81
N PRO A 214 8.58 -9.02 -4.08
CA PRO A 214 7.87 -8.32 -5.16
C PRO A 214 6.38 -8.64 -5.19
N GLU A 215 6.06 -9.93 -4.98
CA GLU A 215 4.68 -10.41 -5.00
C GLU A 215 3.86 -10.03 -3.75
N ALA A 216 4.51 -9.57 -2.67
CA ALA A 216 3.91 -9.63 -1.36
C ALA A 216 2.63 -8.79 -1.24
N THR A 217 2.64 -7.54 -1.75
CA THR A 217 1.49 -6.69 -1.53
C THR A 217 0.29 -7.29 -2.24
N GLY A 218 0.41 -7.51 -3.54
CA GLY A 218 -0.71 -8.00 -4.32
C GLY A 218 -1.18 -9.39 -3.86
N TYR A 219 -0.24 -10.29 -3.53
CA TYR A 219 -0.65 -11.57 -2.97
C TYR A 219 -1.42 -11.38 -1.66
N GLY A 220 -0.92 -10.49 -0.78
CA GLY A 220 -1.56 -10.28 0.52
C GLY A 220 -2.96 -9.67 0.41
N VAL A 221 -3.17 -8.79 -0.59
CA VAL A 221 -4.50 -8.24 -0.84
C VAL A 221 -5.45 -9.40 -1.11
N VAL A 222 -5.05 -10.29 -2.03
CA VAL A 222 -5.92 -11.38 -2.44
C VAL A 222 -6.13 -12.34 -1.26
N TYR A 223 -5.09 -12.62 -0.46
CA TYR A 223 -5.26 -13.42 0.75
C TYR A 223 -6.33 -12.81 1.66
N TYR A 224 -6.26 -11.50 1.81
CA TYR A 224 -7.21 -10.81 2.68
C TYR A 224 -8.62 -11.03 2.15
N VAL A 225 -8.81 -10.88 0.83
CA VAL A 225 -10.11 -11.06 0.22
C VAL A 225 -10.68 -12.46 0.43
N LYS A 226 -9.81 -13.46 0.45
CA LYS A 226 -10.27 -14.82 0.71
C LYS A 226 -10.87 -14.90 2.11
N HIS A 227 -10.23 -14.27 3.11
CA HIS A 227 -10.83 -14.22 4.44
C HIS A 227 -12.17 -13.48 4.45
N MET A 228 -12.29 -12.40 3.65
CA MET A 228 -13.54 -11.67 3.59
C MET A 228 -14.67 -12.56 3.04
N ILE A 229 -14.40 -13.29 1.96
CA ILE A 229 -15.42 -14.11 1.32
C ILE A 229 -15.84 -15.21 2.28
N GLU A 230 -14.86 -15.86 2.92
CA GLU A 230 -15.18 -16.90 3.88
C GLU A 230 -16.10 -16.36 4.97
N HIS A 231 -15.74 -15.21 5.54
CA HIS A 231 -16.50 -14.68 6.67
C HIS A 231 -17.91 -14.25 6.23
N ARG A 232 -17.99 -13.52 5.10
CA ARG A 232 -19.26 -12.92 4.74
C ARG A 232 -20.24 -14.01 4.28
N THR A 233 -19.74 -15.05 3.59
CA THR A 233 -20.60 -16.11 3.09
C THR A 233 -20.72 -17.29 4.05
N LYS A 234 -20.13 -17.17 5.27
CA LYS A 234 -20.11 -18.19 6.29
C LYS A 234 -19.70 -19.52 5.66
N GLY A 235 -18.67 -19.45 4.83
CA GLY A 235 -18.06 -20.61 4.22
C GLY A 235 -18.84 -21.18 3.03
N ALA A 236 -19.81 -20.44 2.48
CA ALA A 236 -20.58 -20.95 1.36
C ALA A 236 -19.85 -20.78 0.02
N GLU A 237 -18.95 -19.78 -0.11
CA GLU A 237 -18.30 -19.46 -1.37
C GLU A 237 -16.80 -19.31 -1.18
N THR A 238 -16.07 -19.29 -2.32
CA THR A 238 -14.63 -19.09 -2.37
C THR A 238 -14.33 -17.99 -3.38
N LEU A 239 -13.05 -17.68 -3.54
CA LEU A 239 -12.60 -16.76 -4.58
C LEU A 239 -12.74 -17.34 -5.99
N LYS A 240 -12.84 -18.67 -6.13
CA LYS A 240 -12.88 -19.22 -7.49
C LYS A 240 -14.05 -18.59 -8.26
N GLY A 241 -13.78 -18.19 -9.52
CA GLY A 241 -14.82 -17.66 -10.38
C GLY A 241 -15.25 -16.21 -10.11
N LYS A 242 -14.78 -15.60 -9.02
CA LYS A 242 -15.09 -14.20 -8.75
C LYS A 242 -14.49 -13.32 -9.83
N ARG A 243 -15.28 -12.33 -10.28
CA ARG A 243 -14.87 -11.36 -11.27
C ARG A 243 -14.32 -10.13 -10.58
N VAL A 244 -13.06 -9.83 -10.94
CA VAL A 244 -12.26 -8.85 -10.25
C VAL A 244 -11.90 -7.71 -11.18
N ALA A 245 -12.17 -6.49 -10.70
CA ALA A 245 -11.73 -5.27 -11.36
C ALA A 245 -10.52 -4.74 -10.61
N ILE A 246 -9.39 -4.72 -11.31
CA ILE A 246 -8.16 -4.16 -10.79
C ILE A 246 -7.85 -2.85 -11.50
N SER A 247 -7.38 -1.87 -10.75
CA SER A 247 -6.82 -0.62 -11.24
C SER A 247 -5.33 -0.59 -10.93
N GLY A 248 -4.60 0.20 -11.73
CA GLY A 248 -3.15 0.15 -11.62
C GLY A 248 -2.59 -0.98 -12.48
N SER A 249 -1.28 -0.92 -12.67
CA SER A 249 -0.59 -1.85 -13.53
C SER A 249 0.88 -1.94 -13.13
N GLY A 250 1.16 -1.62 -11.88
CA GLY A 250 2.52 -1.65 -11.34
C GLY A 250 2.71 -2.84 -10.42
N ASN A 251 3.61 -2.68 -9.41
CA ASN A 251 3.98 -3.76 -8.52
C ASN A 251 2.76 -4.37 -7.83
N VAL A 252 1.84 -3.55 -7.29
CA VAL A 252 0.77 -4.16 -6.52
C VAL A 252 -0.26 -4.80 -7.46
N ALA A 253 -0.65 -4.06 -8.52
CA ALA A 253 -1.66 -4.56 -9.45
C ALA A 253 -1.21 -5.84 -10.15
N GLN A 254 0.05 -5.85 -10.62
CA GLN A 254 0.53 -7.00 -11.35
C GLN A 254 0.34 -8.29 -10.56
N TYR A 255 0.87 -8.32 -9.33
CA TYR A 255 0.85 -9.53 -8.54
C TYR A 255 -0.52 -9.82 -7.92
N ALA A 256 -1.36 -8.77 -7.72
CA ALA A 256 -2.74 -9.02 -7.38
C ALA A 256 -3.43 -9.75 -8.53
N ALA A 257 -3.20 -9.29 -9.77
CA ALA A 257 -3.79 -9.95 -10.93
C ALA A 257 -3.30 -11.39 -11.09
N LEU A 258 -1.99 -11.59 -10.95
CA LEU A 258 -1.43 -12.93 -11.08
C LEU A 258 -1.92 -13.86 -9.96
N LYS A 259 -2.09 -13.37 -8.73
CA LYS A 259 -2.60 -14.22 -7.66
C LYS A 259 -4.07 -14.56 -7.91
N CYS A 260 -4.84 -13.57 -8.36
CA CYS A 260 -6.24 -13.80 -8.70
C CYS A 260 -6.35 -14.96 -9.68
N ILE A 261 -5.54 -14.94 -10.74
CA ILE A 261 -5.60 -15.97 -11.76
C ILE A 261 -5.20 -17.33 -11.16
N GLN A 262 -4.15 -17.36 -10.33
CA GLN A 262 -3.73 -18.61 -9.68
C GLN A 262 -4.86 -19.20 -8.84
N GLU A 263 -5.61 -18.32 -8.19
CA GLU A 263 -6.70 -18.73 -7.33
C GLU A 263 -8.00 -19.04 -8.08
N GLY A 264 -8.00 -18.95 -9.42
CA GLY A 264 -9.18 -19.33 -10.19
C GLY A 264 -10.20 -18.20 -10.34
N ALA A 265 -9.81 -16.96 -10.02
CA ALA A 265 -10.66 -15.81 -10.26
C ALA A 265 -10.35 -15.25 -11.64
N ILE A 266 -11.22 -14.33 -12.08
CA ILE A 266 -11.26 -13.75 -13.41
C ILE A 266 -10.86 -12.29 -13.27
N VAL A 267 -9.79 -11.90 -13.97
CA VAL A 267 -9.33 -10.54 -13.97
C VAL A 267 -9.93 -9.81 -15.16
N LYS A 268 -10.82 -8.86 -14.87
CA LYS A 268 -11.59 -8.19 -15.91
C LYS A 268 -11.01 -6.83 -16.35
N SER A 269 -10.05 -6.30 -15.56
CA SER A 269 -9.45 -5.03 -15.93
C SER A 269 -8.06 -4.89 -15.34
N ILE A 270 -7.33 -3.94 -15.92
CA ILE A 270 -6.03 -3.47 -15.44
C ILE A 270 -5.90 -2.05 -15.99
N SER A 271 -5.23 -1.12 -15.29
CA SER A 271 -5.21 0.27 -15.75
C SER A 271 -3.91 0.99 -15.42
N ASP A 272 -3.73 2.16 -16.01
CA ASP A 272 -2.63 3.04 -15.67
C ASP A 272 -3.13 4.47 -15.62
N SER A 273 -2.20 5.43 -15.63
CA SER A 273 -2.57 6.83 -15.48
C SER A 273 -3.19 7.36 -16.78
N LYS A 274 -3.08 6.60 -17.87
CA LYS A 274 -3.57 7.06 -19.17
C LYS A 274 -4.91 6.45 -19.57
N GLY A 275 -5.26 5.29 -19.01
CA GLY A 275 -6.52 4.65 -19.36
C GLY A 275 -6.64 3.26 -18.75
N VAL A 276 -7.64 2.50 -19.22
CA VAL A 276 -7.98 1.21 -18.67
C VAL A 276 -8.16 0.21 -19.82
N LEU A 277 -7.67 -1.01 -19.55
CA LEU A 277 -7.92 -2.16 -20.41
C LEU A 277 -9.02 -3.02 -19.77
N ILE A 278 -10.15 -3.16 -20.48
CA ILE A 278 -11.22 -4.06 -20.06
C ILE A 278 -11.13 -5.35 -20.85
N ALA A 279 -11.13 -6.52 -20.18
CA ALA A 279 -10.97 -7.77 -20.91
C ALA A 279 -12.18 -7.98 -21.82
N LYS A 280 -11.98 -8.53 -23.02
CA LYS A 280 -13.15 -8.65 -23.87
C LYS A 280 -13.75 -10.06 -23.83
N THR A 281 -13.11 -10.99 -23.10
CA THR A 281 -13.53 -12.36 -22.87
C THR A 281 -14.00 -12.55 -21.42
N ALA A 282 -14.95 -13.49 -21.20
CA ALA A 282 -15.37 -13.84 -19.85
C ALA A 282 -14.25 -14.50 -19.08
N GLU A 283 -13.24 -15.06 -19.77
CA GLU A 283 -12.09 -15.64 -19.09
C GLU A 283 -11.16 -14.57 -18.53
N GLY A 284 -11.36 -13.30 -18.94
CA GLY A 284 -10.56 -12.19 -18.45
C GLY A 284 -9.14 -12.24 -19.02
N LEU A 285 -8.24 -11.48 -18.38
CA LEU A 285 -6.85 -11.41 -18.76
C LEU A 285 -6.12 -12.65 -18.28
N VAL A 286 -5.07 -13.02 -19.02
CA VAL A 286 -4.30 -14.21 -18.71
C VAL A 286 -2.89 -13.80 -18.30
N PRO A 287 -2.11 -14.72 -17.67
CA PRO A 287 -0.80 -14.32 -17.17
C PRO A 287 0.16 -13.73 -18.19
N GLU A 288 0.15 -14.23 -19.44
CA GLU A 288 1.06 -13.69 -20.44
C GLU A 288 0.77 -12.21 -20.70
N GLU A 289 -0.50 -11.80 -20.56
CA GLU A 289 -0.89 -10.41 -20.77
C GLU A 289 -0.41 -9.53 -19.62
N ILE A 290 -0.51 -10.03 -18.39
CA ILE A 290 0.04 -9.31 -17.24
C ILE A 290 1.56 -9.16 -17.40
N HIS A 291 2.25 -10.22 -17.84
CA HIS A 291 3.69 -10.15 -18.08
C HIS A 291 4.05 -9.17 -19.19
N GLU A 292 3.21 -9.05 -20.22
CA GLU A 292 3.44 -8.08 -21.27
C GLU A 292 3.38 -6.68 -20.66
N ILE A 293 2.37 -6.44 -19.80
CA ILE A 293 2.22 -5.13 -19.21
C ILE A 293 3.38 -4.86 -18.26
N MET A 294 3.83 -5.89 -17.53
CA MET A 294 4.96 -5.75 -16.64
C MET A 294 6.17 -5.22 -17.42
N ALA A 295 6.39 -5.78 -18.61
CA ALA A 295 7.54 -5.39 -19.42
C ALA A 295 7.41 -3.95 -19.94
N LEU A 296 6.18 -3.55 -20.31
CA LEU A 296 5.88 -2.16 -20.68
C LEU A 296 6.23 -1.21 -19.52
N LYS A 297 5.80 -1.56 -18.31
CA LYS A 297 6.03 -0.67 -17.18
C LYS A 297 7.50 -0.62 -16.74
N GLU A 298 8.28 -1.68 -17.01
CA GLU A 298 9.71 -1.63 -16.77
C GLU A 298 10.38 -0.55 -17.62
N LYS A 299 9.77 -0.25 -18.77
CA LYS A 299 10.27 0.79 -19.67
C LYS A 299 9.46 2.07 -19.56
N ARG A 300 8.67 2.19 -18.50
CA ARG A 300 7.85 3.38 -18.25
C ARG A 300 7.01 3.73 -19.47
N ALA A 301 6.45 2.69 -20.06
CA ALA A 301 5.49 2.86 -21.13
C ALA A 301 4.08 2.61 -20.60
N SER A 302 3.11 2.89 -21.45
CA SER A 302 1.69 2.82 -21.11
C SER A 302 1.04 1.59 -21.74
N ILE A 303 -0.10 1.18 -21.18
CA ILE A 303 -0.90 0.11 -21.78
C ILE A 303 -1.27 0.40 -23.24
N ALA A 304 -1.53 1.68 -23.52
CA ALA A 304 -1.91 2.11 -24.86
C ALA A 304 -0.81 1.79 -25.85
N ASP A 305 0.45 1.64 -25.36
CA ASP A 305 1.58 1.38 -26.26
C ASP A 305 1.65 -0.06 -26.77
N SER A 306 0.81 -0.96 -26.23
CA SER A 306 0.61 -2.27 -26.85
C SER A 306 -0.57 -2.23 -27.81
N ALA A 307 -0.28 -2.06 -29.11
CA ALA A 307 -1.35 -2.05 -30.08
C ALA A 307 -2.13 -3.37 -30.06
N SER A 308 -1.40 -4.49 -29.89
CA SER A 308 -2.02 -5.82 -29.89
C SER A 308 -2.95 -6.04 -28.69
N LEU A 309 -2.54 -5.68 -27.45
CA LEU A 309 -3.43 -5.81 -26.28
C LEU A 309 -4.68 -4.98 -26.48
N CYS A 310 -4.50 -3.75 -27.00
CA CYS A 310 -5.61 -2.85 -27.17
C CYS A 310 -6.57 -3.38 -28.23
N LYS A 311 -6.04 -3.97 -29.31
CA LYS A 311 -6.91 -4.48 -30.36
C LYS A 311 -7.66 -5.72 -29.88
N LYS A 312 -7.03 -6.53 -29.03
CA LYS A 312 -7.69 -7.74 -28.56
C LYS A 312 -8.80 -7.39 -27.59
N HIS A 313 -8.53 -6.45 -26.67
CA HIS A 313 -9.40 -6.17 -25.53
C HIS A 313 -10.10 -4.84 -25.80
N HIS A 314 -10.58 -4.18 -24.77
CA HIS A 314 -11.29 -2.91 -24.90
C HIS A 314 -10.51 -1.83 -24.13
N TYR A 315 -9.75 -0.99 -24.84
CA TYR A 315 -8.99 0.09 -24.18
C TYR A 315 -9.83 1.37 -24.17
N ILE A 316 -9.94 2.01 -22.99
CA ILE A 316 -10.65 3.26 -22.79
C ILE A 316 -9.70 4.34 -22.30
N ALA A 317 -9.33 5.26 -23.21
CA ALA A 317 -8.46 6.37 -22.87
C ALA A 317 -9.09 7.24 -21.80
N GLY A 318 -8.31 7.57 -20.77
CA GLY A 318 -8.77 8.56 -19.79
C GLY A 318 -9.69 8.02 -18.69
N ALA A 319 -10.02 6.72 -18.69
CA ALA A 319 -11.01 6.14 -17.77
C ALA A 319 -10.39 5.24 -16.69
N ARG A 320 -11.12 5.13 -15.56
CA ARG A 320 -10.92 4.10 -14.56
C ARG A 320 -11.78 2.87 -14.86
N PRO A 321 -11.47 1.71 -14.28
CA PRO A 321 -12.24 0.49 -14.55
C PRO A 321 -13.70 0.51 -14.09
N TRP A 322 -13.95 1.21 -12.99
CA TRP A 322 -15.05 0.84 -12.11
C TRP A 322 -16.40 0.83 -12.83
N THR A 323 -16.72 1.89 -13.59
CA THR A 323 -18.02 2.01 -14.26
C THR A 323 -18.04 1.32 -15.62
N ASN A 324 -16.95 0.69 -16.03
CA ASN A 324 -16.75 0.20 -17.38
C ASN A 324 -16.60 -1.32 -17.46
N VAL A 325 -16.46 -2.00 -16.31
CA VAL A 325 -16.15 -3.43 -16.27
C VAL A 325 -17.37 -4.34 -16.33
N GLY A 326 -18.58 -3.79 -16.40
CA GLY A 326 -19.73 -4.67 -16.46
C GLY A 326 -19.91 -5.36 -15.11
N GLU A 327 -20.43 -6.59 -15.13
CA GLU A 327 -20.77 -7.26 -13.89
C GLU A 327 -19.51 -7.65 -13.17
N ILE A 328 -19.50 -7.52 -11.84
CA ILE A 328 -18.24 -7.62 -11.11
C ILE A 328 -18.53 -8.09 -9.68
N ASP A 329 -17.57 -8.74 -9.02
CA ASP A 329 -17.74 -9.23 -7.64
C ASP A 329 -16.79 -8.56 -6.66
N ILE A 330 -15.58 -8.24 -7.13
CA ILE A 330 -14.53 -7.69 -6.29
C ILE A 330 -13.90 -6.51 -7.02
N ALA A 331 -13.54 -5.47 -6.26
CA ALA A 331 -12.77 -4.34 -6.77
C ALA A 331 -11.49 -4.19 -5.95
N LEU A 332 -10.36 -4.14 -6.66
CA LEU A 332 -9.04 -4.00 -6.05
C LEU A 332 -8.40 -2.74 -6.60
N PRO A 333 -8.63 -1.56 -5.98
CA PRO A 333 -7.91 -0.33 -6.30
C PRO A 333 -6.45 -0.56 -5.96
N CYS A 334 -5.55 -0.49 -6.96
CA CYS A 334 -4.14 -0.81 -6.75
C CYS A 334 -3.21 0.23 -7.41
N ALA A 335 -3.67 1.48 -7.59
CA ALA A 335 -2.90 2.54 -8.22
C ALA A 335 -2.46 3.64 -7.27
N THR A 336 -3.43 4.34 -6.63
CA THR A 336 -3.10 5.60 -5.96
C THR A 336 -4.26 6.00 -5.06
N GLN A 337 -4.02 7.02 -4.25
CA GLN A 337 -5.07 7.49 -3.36
C GLN A 337 -6.26 8.10 -4.09
N ASN A 338 -7.47 8.03 -3.50
CA ASN A 338 -8.63 8.74 -4.04
C ASN A 338 -8.90 8.39 -5.51
N GLU A 339 -8.89 7.09 -5.81
CA GLU A 339 -9.09 6.62 -7.17
C GLU A 339 -10.46 5.95 -7.34
N VAL A 340 -11.26 5.94 -6.28
CA VAL A 340 -12.65 5.49 -6.31
C VAL A 340 -13.51 6.62 -5.73
N SER A 341 -14.31 7.27 -6.59
CA SER A 341 -15.23 8.34 -6.17
C SER A 341 -16.43 7.71 -5.50
N GLY A 342 -17.24 8.56 -4.85
CA GLY A 342 -18.48 8.09 -4.24
C GLY A 342 -19.45 7.55 -5.30
N GLU A 343 -19.44 8.19 -6.50
CA GLU A 343 -20.29 7.77 -7.61
C GLU A 343 -19.85 6.43 -8.18
N GLU A 344 -18.51 6.23 -8.18
CA GLU A 344 -17.96 4.98 -8.67
C GLU A 344 -18.27 3.84 -7.69
N ALA A 345 -18.25 4.15 -6.38
CA ALA A 345 -18.60 3.16 -5.37
C ALA A 345 -20.02 2.64 -5.54
N ALA A 346 -20.91 3.60 -5.78
CA ALA A 346 -22.31 3.23 -5.96
C ALA A 346 -22.52 2.45 -7.25
N ALA A 347 -21.79 2.81 -8.33
CA ALA A 347 -21.85 2.09 -9.59
C ALA A 347 -21.32 0.65 -9.45
N LEU A 348 -20.23 0.50 -8.69
CA LEU A 348 -19.65 -0.81 -8.41
C LEU A 348 -20.71 -1.70 -7.79
N ILE A 349 -21.38 -1.19 -6.75
CA ILE A 349 -22.39 -1.99 -6.08
C ILE A 349 -23.54 -2.37 -7.04
N LYS A 350 -23.97 -1.45 -7.91
CA LYS A 350 -25.02 -1.73 -8.88
C LYS A 350 -24.59 -2.82 -9.86
N GLN A 351 -23.29 -2.87 -10.12
CA GLN A 351 -22.68 -3.85 -11.00
C GLN A 351 -22.42 -5.18 -10.31
N GLY A 352 -22.74 -5.27 -9.03
CA GLY A 352 -22.69 -6.52 -8.30
C GLY A 352 -21.55 -6.61 -7.28
N CYS A 353 -20.72 -5.57 -7.15
CA CYS A 353 -19.50 -5.64 -6.35
C CYS A 353 -19.86 -5.84 -4.89
N ARG A 354 -19.26 -6.85 -4.23
CA ARG A 354 -19.52 -7.07 -2.81
C ARG A 354 -18.26 -7.09 -1.95
N TYR A 355 -17.07 -6.97 -2.57
CA TYR A 355 -15.84 -6.93 -1.81
C TYR A 355 -14.94 -5.88 -2.45
N VAL A 356 -14.37 -5.02 -1.63
CA VAL A 356 -13.41 -4.05 -2.07
C VAL A 356 -12.22 -4.17 -1.11
N ALA A 357 -11.04 -4.29 -1.68
CA ALA A 357 -9.84 -4.36 -0.87
C ALA A 357 -8.81 -3.41 -1.46
N GLU A 358 -8.30 -2.50 -0.64
CA GLU A 358 -7.40 -1.46 -1.11
C GLU A 358 -5.98 -1.96 -1.20
N GLY A 359 -5.49 -2.24 -2.39
CA GLY A 359 -4.06 -2.37 -2.67
C GLY A 359 -3.36 -1.02 -2.55
N SER A 360 -3.97 0.02 -3.17
CA SER A 360 -3.47 1.38 -3.05
C SER A 360 -3.69 1.89 -1.63
N ASN A 361 -2.80 2.79 -1.18
CA ASN A 361 -3.02 3.48 0.10
C ASN A 361 -4.13 4.53 -0.08
N MET A 362 -5.13 4.47 0.80
CA MET A 362 -6.29 5.35 0.79
C MET A 362 -6.89 5.40 -0.63
N GLY A 363 -7.08 4.21 -1.22
CA GLY A 363 -7.61 4.19 -2.60
C GLY A 363 -9.01 4.77 -2.74
N SER A 364 -9.85 4.45 -1.78
CA SER A 364 -11.21 4.94 -1.75
C SER A 364 -11.26 6.37 -1.23
N SER A 365 -11.95 7.23 -1.98
CA SER A 365 -12.24 8.57 -1.48
C SER A 365 -13.09 8.48 -0.23
N ALA A 366 -13.15 9.58 0.52
CA ALA A 366 -13.95 9.60 1.72
C ALA A 366 -15.43 9.27 1.44
N GLU A 367 -15.93 9.77 0.30
CA GLU A 367 -17.32 9.55 -0.10
C GLU A 367 -17.52 8.08 -0.47
N ALA A 368 -16.53 7.46 -1.15
CA ALA A 368 -16.60 6.04 -1.44
C ALA A 368 -16.60 5.19 -0.17
N VAL A 369 -15.73 5.53 0.81
CA VAL A 369 -15.73 4.82 2.08
C VAL A 369 -17.11 4.80 2.70
N GLU A 370 -17.77 5.96 2.70
CA GLU A 370 -19.09 6.07 3.31
C GLU A 370 -20.12 5.22 2.55
N VAL A 371 -20.03 5.23 1.21
CA VAL A 371 -20.95 4.40 0.41
C VAL A 371 -20.76 2.93 0.76
N PHE A 372 -19.49 2.49 0.85
CA PHE A 372 -19.19 1.10 1.12
C PHE A 372 -19.57 0.74 2.56
N GLU A 373 -19.34 1.64 3.53
CA GLU A 373 -19.66 1.34 4.94
C GLU A 373 -21.16 1.30 5.17
N LYS A 374 -21.92 2.14 4.45
CA LYS A 374 -23.37 2.04 4.52
C LYS A 374 -23.87 0.78 3.81
N SER A 375 -23.26 0.39 2.69
CA SER A 375 -23.64 -0.87 2.08
C SER A 375 -23.43 -2.00 3.09
N ARG A 376 -22.25 -2.02 3.70
CA ARG A 376 -21.92 -3.06 4.66
C ARG A 376 -22.95 -3.12 5.77
N ALA A 377 -23.27 -1.95 6.34
CA ALA A 377 -24.15 -1.85 7.50
C ALA A 377 -25.59 -2.24 7.13
N SER A 378 -26.09 -1.77 5.98
CA SER A 378 -27.53 -1.69 5.77
C SER A 378 -28.04 -2.10 4.38
N GLY A 379 -27.15 -2.27 3.41
CA GLY A 379 -27.51 -2.40 2.01
C GLY A 379 -27.14 -3.81 1.57
N GLU A 380 -26.61 -3.89 0.35
CA GLU A 380 -26.23 -5.15 -0.26
C GLU A 380 -25.11 -5.88 0.49
N GLY A 381 -24.46 -5.21 1.44
CA GLY A 381 -23.39 -5.83 2.21
C GLY A 381 -22.04 -5.78 1.53
N CYS A 382 -21.83 -4.77 0.68
CA CYS A 382 -20.53 -4.62 0.02
C CYS A 382 -19.49 -4.23 1.07
N TRP A 383 -18.34 -4.93 1.07
CA TRP A 383 -17.46 -4.92 2.25
C TRP A 383 -16.09 -4.38 1.87
N LEU A 384 -15.69 -3.26 2.48
CA LEU A 384 -14.41 -2.62 2.24
C LEU A 384 -13.40 -3.03 3.31
N ALA A 385 -12.24 -3.47 2.80
CA ALA A 385 -11.05 -3.69 3.61
C ALA A 385 -10.11 -2.52 3.37
N PRO A 386 -9.74 -1.77 4.40
CA PRO A 386 -8.88 -0.60 4.22
C PRO A 386 -7.47 -1.01 3.85
N GLY A 387 -6.75 -0.12 3.15
CA GLY A 387 -5.39 -0.42 2.72
C GLY A 387 -4.50 -0.80 3.90
N LYS A 388 -4.67 -0.14 5.03
CA LYS A 388 -3.75 -0.39 6.15
C LYS A 388 -3.80 -1.85 6.65
N ALA A 389 -4.88 -2.58 6.36
CA ALA A 389 -4.98 -4.01 6.55
C ALA A 389 -4.65 -4.77 5.27
N ALA A 390 -5.38 -4.50 4.19
CA ALA A 390 -5.32 -5.35 3.00
C ALA A 390 -3.96 -5.30 2.29
N ASN A 391 -3.29 -4.14 2.33
CA ASN A 391 -2.06 -3.95 1.58
C ASN A 391 -0.83 -4.18 2.43
N ALA A 392 -1.02 -4.60 3.67
CA ALA A 392 0.07 -4.77 4.63
C ALA A 392 1.08 -5.86 4.28
N GLY A 393 0.77 -6.72 3.31
CA GLY A 393 1.65 -7.81 2.95
C GLY A 393 3.02 -7.31 2.53
N GLY A 394 3.09 -6.16 1.86
CA GLY A 394 4.36 -5.64 1.37
C GLY A 394 5.30 -5.34 2.54
N VAL A 395 4.83 -4.53 3.47
CA VAL A 395 5.69 -4.14 4.57
C VAL A 395 5.90 -5.31 5.52
N ALA A 396 4.97 -6.27 5.56
CA ALA A 396 5.14 -7.49 6.34
C ALA A 396 6.34 -8.25 5.80
N VAL A 397 6.34 -8.48 4.47
CA VAL A 397 7.46 -9.22 3.94
C VAL A 397 8.75 -8.38 4.02
N SER A 398 8.68 -7.05 3.98
CA SER A 398 9.84 -6.22 4.31
C SER A 398 10.36 -6.54 5.71
N GLY A 399 9.47 -6.69 6.68
CA GLY A 399 9.90 -7.03 8.02
C GLY A 399 10.60 -8.37 8.02
N LEU A 400 10.05 -9.29 7.25
CA LEU A 400 10.64 -10.61 7.12
C LEU A 400 12.02 -10.51 6.47
N GLU A 401 12.20 -9.59 5.52
CA GLU A 401 13.49 -9.34 4.91
C GLU A 401 14.49 -8.85 5.96
N MET A 402 14.06 -7.92 6.83
CA MET A 402 14.88 -7.44 7.95
C MET A 402 15.29 -8.59 8.87
N ALA A 403 14.38 -9.53 9.11
CA ALA A 403 14.64 -10.65 10.01
C ALA A 403 15.67 -11.56 9.37
N GLN A 404 15.47 -11.87 8.07
CA GLN A 404 16.47 -12.69 7.36
C GLN A 404 17.87 -12.05 7.30
N ASN A 405 17.94 -10.74 7.10
CA ASN A 405 19.21 -10.02 7.09
C ASN A 405 19.89 -10.16 8.46
N ALA A 406 19.15 -9.93 9.56
CA ALA A 406 19.67 -10.00 10.91
C ALA A 406 20.13 -11.42 11.24
N GLN A 407 19.40 -12.39 10.70
CA GLN A 407 19.69 -13.77 10.99
C GLN A 407 20.85 -14.29 10.11
N PHE A 408 21.28 -13.56 9.07
CA PHE A 408 22.26 -14.01 8.07
C PHE A 408 21.67 -15.21 7.30
N SER A 409 20.41 -15.09 6.83
CA SER A 409 19.66 -16.22 6.30
C SER A 409 18.82 -15.75 5.10
N THR A 410 18.47 -16.72 4.24
CA THR A 410 17.58 -16.51 3.10
C THR A 410 16.55 -17.63 3.14
N TRP A 411 15.29 -17.30 3.43
CA TRP A 411 14.25 -18.31 3.51
C TRP A 411 13.70 -18.67 2.14
N THR A 412 13.03 -19.82 2.03
CA THR A 412 12.49 -20.25 0.75
C THR A 412 11.22 -19.45 0.41
N HIS A 413 10.81 -19.51 -0.85
CA HIS A 413 9.56 -18.89 -1.30
C HIS A 413 8.39 -19.40 -0.46
N ALA A 414 8.29 -20.73 -0.32
CA ALA A 414 7.23 -21.36 0.47
C ALA A 414 7.25 -20.86 1.90
N GLU A 415 8.44 -20.73 2.49
CA GLU A 415 8.55 -20.31 3.89
C GLU A 415 8.04 -18.87 4.04
N VAL A 416 8.44 -17.98 3.13
CA VAL A 416 7.99 -16.59 3.22
C VAL A 416 6.50 -16.46 2.94
N ASP A 417 6.01 -17.15 1.89
CA ASP A 417 4.60 -17.07 1.57
C ASP A 417 3.75 -17.56 2.74
N ALA A 418 4.17 -18.63 3.44
CA ALA A 418 3.39 -19.14 4.56
C ALA A 418 3.35 -18.10 5.67
N LYS A 419 4.47 -17.44 5.95
CA LYS A 419 4.50 -16.38 6.93
C LYS A 419 3.58 -15.24 6.52
N LEU A 420 3.62 -14.87 5.25
CA LEU A 420 2.76 -13.80 4.74
C LEU A 420 1.30 -14.15 4.94
N ALA A 421 0.92 -15.37 4.56
CA ALA A 421 -0.46 -15.80 4.71
C ALA A 421 -0.86 -15.76 6.18
N GLY A 422 0.03 -16.18 7.07
CA GLY A 422 -0.30 -16.17 8.48
C GLY A 422 -0.50 -14.75 9.03
N ILE A 423 0.34 -13.82 8.57
CA ILE A 423 0.21 -12.40 8.93
C ILE A 423 -1.12 -11.83 8.46
N MET A 424 -1.50 -12.10 7.22
CA MET A 424 -2.73 -11.50 6.71
C MET A 424 -3.95 -12.04 7.46
N GLN A 425 -3.91 -13.33 7.80
CA GLN A 425 -4.96 -13.92 8.58
C GLN A 425 -5.04 -13.26 9.96
N ASN A 426 -3.87 -13.07 10.60
CA ASN A 426 -3.83 -12.42 11.89
C ASN A 426 -4.36 -10.98 11.82
N ILE A 427 -4.06 -10.23 10.76
CA ILE A 427 -4.61 -8.88 10.59
C ILE A 427 -6.14 -8.92 10.50
N PHE A 428 -6.66 -9.90 9.79
CA PHE A 428 -8.10 -10.06 9.65
C PHE A 428 -8.73 -10.35 11.00
N GLU A 429 -8.15 -11.28 11.74
CA GLU A 429 -8.66 -11.68 13.02
C GLU A 429 -8.62 -10.55 14.04
N GLN A 430 -7.52 -9.79 14.05
CA GLN A 430 -7.37 -8.64 14.94
C GLN A 430 -8.49 -7.64 14.61
N SER A 431 -8.73 -7.43 13.33
CA SER A 431 -9.68 -6.43 12.83
C SER A 431 -11.10 -6.79 13.26
N THR A 432 -11.51 -8.05 13.02
CA THR A 432 -12.87 -8.47 13.36
C THR A 432 -13.01 -8.58 14.88
N ASP A 433 -11.97 -9.06 15.60
CA ASP A 433 -12.07 -9.16 17.05
C ASP A 433 -12.25 -7.79 17.70
N VAL A 434 -11.50 -6.80 17.20
CA VAL A 434 -11.53 -5.48 17.81
C VAL A 434 -12.83 -4.77 17.43
N ALA A 435 -13.30 -4.99 16.20
CA ALA A 435 -14.56 -4.40 15.80
C ALA A 435 -15.69 -4.94 16.67
N SER A 436 -15.68 -6.25 16.96
CA SER A 436 -16.75 -6.81 17.78
C SER A 436 -16.68 -6.28 19.19
N LYS A 437 -15.46 -6.02 19.68
CA LYS A 437 -15.29 -5.59 21.06
C LYS A 437 -15.73 -4.14 21.25
N TYR A 438 -15.45 -3.25 20.27
CA TYR A 438 -15.63 -1.83 20.53
C TYR A 438 -16.67 -1.20 19.65
N CYS A 439 -17.15 -1.89 18.62
CA CYS A 439 -17.98 -1.27 17.59
C CYS A 439 -19.29 -2.04 17.43
N ASP A 440 -20.14 -1.58 16.48
CA ASP A 440 -21.39 -2.25 16.17
C ASP A 440 -21.46 -2.44 14.67
N SER A 441 -21.76 -3.67 14.23
CA SER A 441 -21.75 -4.02 12.82
C SER A 441 -22.95 -3.55 12.01
N GLY A 442 -24.08 -3.22 12.66
CA GLY A 442 -25.28 -2.85 11.91
C GLY A 442 -26.09 -4.06 11.48
N SER A 443 -27.10 -3.82 10.62
CA SER A 443 -28.18 -4.75 10.30
C SER A 443 -27.65 -6.04 9.68
N ASN A 444 -26.62 -5.93 8.85
CA ASN A 444 -26.15 -7.08 8.09
C ASN A 444 -25.18 -7.96 8.88
N ASN A 445 -24.80 -7.55 10.11
CA ASN A 445 -23.91 -8.29 10.98
C ASN A 445 -22.51 -8.50 10.37
N ILE A 446 -22.07 -7.56 9.51
CA ILE A 446 -20.76 -7.65 8.88
C ILE A 446 -19.87 -6.61 9.57
N PRO A 447 -18.86 -7.03 10.39
CA PRO A 447 -18.05 -6.06 11.13
C PRO A 447 -17.24 -5.17 10.19
N SER A 448 -17.03 -3.93 10.64
CA SER A 448 -16.25 -2.97 9.89
C SER A 448 -14.76 -3.31 9.99
N LEU A 449 -14.19 -3.69 8.84
CA LEU A 449 -12.76 -3.86 8.70
C LEU A 449 -12.03 -2.53 8.79
N VAL A 450 -12.70 -1.46 8.34
CA VAL A 450 -12.18 -0.11 8.47
C VAL A 450 -11.97 0.21 9.95
N ASP A 451 -13.03 0.11 10.74
CA ASP A 451 -12.97 0.48 12.14
C ASP A 451 -12.05 -0.45 12.92
N GLY A 452 -12.15 -1.76 12.62
CA GLY A 452 -11.35 -2.71 13.36
C GLY A 452 -9.86 -2.49 13.14
N ALA A 453 -9.43 -2.21 11.90
CA ALA A 453 -8.00 -1.99 11.64
C ALA A 453 -7.49 -0.74 12.36
N ASN A 454 -8.29 0.33 12.30
CA ASN A 454 -7.90 1.59 12.86
C ASN A 454 -7.76 1.46 14.37
N ILE A 455 -8.75 0.84 15.00
CA ILE A 455 -8.71 0.78 16.46
C ILE A 455 -7.62 -0.18 16.92
N ALA A 456 -7.50 -1.34 16.27
CA ALA A 456 -6.50 -2.32 16.65
C ALA A 456 -5.10 -1.71 16.56
N GLY A 457 -4.83 -1.05 15.44
CA GLY A 457 -3.51 -0.47 15.23
C GLY A 457 -3.24 0.66 16.23
N PHE A 458 -4.25 1.52 16.44
CA PHE A 458 -4.06 2.63 17.36
C PHE A 458 -3.82 2.13 18.79
N LEU A 459 -4.59 1.15 19.26
CA LEU A 459 -4.41 0.69 20.64
C LEU A 459 -3.00 0.16 20.87
N LYS A 460 -2.46 -0.59 19.89
CA LYS A 460 -1.14 -1.17 20.07
C LYS A 460 -0.10 -0.04 20.15
N VAL A 461 -0.15 0.90 19.22
CA VAL A 461 0.83 1.96 19.16
C VAL A 461 0.73 2.83 20.42
N ALA A 462 -0.50 3.14 20.85
CA ALA A 462 -0.68 4.01 21.99
C ALA A 462 -0.09 3.37 23.23
N THR A 463 -0.28 2.06 23.35
CA THR A 463 0.23 1.34 24.51
C THR A 463 1.77 1.42 24.52
N ALA A 464 2.40 1.18 23.37
CA ALA A 464 3.87 1.19 23.33
C ALA A 464 4.37 2.62 23.57
N MET A 465 3.67 3.64 23.02
CA MET A 465 4.04 5.03 23.20
C MET A 465 4.12 5.36 24.70
N GLN A 466 3.12 4.87 25.45
CA GLN A 466 3.06 5.17 26.86
C GLN A 466 4.26 4.55 27.56
N ALA A 467 4.62 3.34 27.16
CA ALA A 467 5.73 2.66 27.81
C ALA A 467 7.06 3.41 27.60
N VAL A 468 7.25 3.97 26.39
CA VAL A 468 8.51 4.61 26.07
C VAL A 468 8.54 6.09 26.44
N GLY A 469 7.43 6.61 27.03
CA GLY A 469 7.45 7.98 27.49
C GLY A 469 6.93 9.03 26.50
N ASP A 470 6.32 8.61 25.40
CA ASP A 470 5.86 9.58 24.43
C ASP A 470 4.63 10.37 24.92
N TRP A 471 3.85 9.77 25.82
CA TRP A 471 2.73 10.47 26.45
C TRP A 471 2.57 9.87 27.83
N TRP A 472 1.84 10.59 28.68
CA TRP A 472 1.41 10.08 29.97
C TRP A 472 0.10 10.76 30.39
PA NAP B . 4.01 1.41 -9.10
O1A NAP B . 4.68 0.13 -9.38
O2A NAP B . 4.75 2.66 -9.31
O5B NAP B . 2.61 1.46 -9.94
C5B NAP B . 1.72 2.53 -9.71
C4B NAP B . 0.59 2.32 -10.69
O4B NAP B . -0.44 3.28 -10.34
C3B NAP B . 0.87 2.56 -12.17
O3B NAP B . 0.05 1.71 -12.96
C2B NAP B . 0.61 4.05 -12.29
O2B NAP B . 0.30 4.42 -13.62
C1B NAP B . -0.59 4.22 -11.37
N9A NAP B . -0.65 5.57 -10.84
C8A NAP B . 0.24 6.13 -9.94
N7A NAP B . -0.06 7.36 -9.60
C5A NAP B . -1.24 7.62 -10.29
C6A NAP B . -2.11 8.74 -10.32
N6A NAP B . -1.84 9.87 -9.67
N1A NAP B . -3.20 8.64 -11.12
C2A NAP B . -3.47 7.48 -11.73
N3A NAP B . -2.71 6.38 -11.79
C4A NAP B . -1.63 6.50 -11.01
O3 NAP B . 3.59 1.50 -7.55
PN NAP B . 3.04 0.38 -6.58
O1N NAP B . 4.18 -0.04 -5.68
O2N NAP B . 2.32 -0.66 -7.38
O5D NAP B . 2.01 1.16 -5.68
C5D NAP B . 0.61 1.28 -6.01
C4D NAP B . -0.20 1.61 -4.78
O4D NAP B . -0.02 0.58 -3.77
C3D NAP B . 0.16 2.92 -4.05
O3D NAP B . -1.03 3.47 -3.50
C2D NAP B . 1.12 2.47 -2.96
O2D NAP B . 1.28 3.40 -1.92
C1D NAP B . 0.41 1.18 -2.57
N1N NAP B . 1.24 0.22 -1.83
C2N NAP B . 2.42 -0.26 -2.34
C3N NAP B . 3.15 -1.22 -1.62
C7N NAP B . 4.42 -1.78 -2.09
O7N NAP B . 5.00 -2.62 -1.37
N7N NAP B . 4.78 -1.49 -3.33
C4N NAP B . 2.66 -1.70 -0.42
C5N NAP B . 1.43 -1.24 0.03
C6N NAP B . 0.73 -0.34 -0.69
P2B NAP B . 1.41 4.45 -14.76
O1X NAP B . 2.56 5.26 -14.37
O2X NAP B . 1.95 2.92 -15.03
O3X NAP B . 0.67 5.12 -15.93
S SO4 C . -26.36 -0.27 -1.19
O1 SO4 C . -27.26 -0.40 -2.37
O2 SO4 C . -27.15 0.27 -0.04
O3 SO4 C . -25.82 -1.57 -0.79
O4 SO4 C . -25.29 0.69 -1.50
OAC 2IT D . 2.70 1.30 1.32
CAJ 2IT D . 3.48 0.51 1.91
OAE 2IT D . 3.11 -0.17 2.90
CAI 2IT D . 4.80 0.47 1.43
NAA 2IT D . 5.18 0.96 0.24
CAG 2IT D . 5.75 -0.35 2.26
CAF 2IT D . 7.22 -0.18 1.96
CAH 2IT D . 8.03 -1.14 2.83
OAB 2IT D . 8.00 -2.37 2.54
OAD 2IT D . 8.62 -0.65 3.80
C1 GOL E . 14.03 4.80 15.83
O1 GOL E . 15.04 5.33 14.99
C2 GOL E . 14.17 5.43 17.20
O2 GOL E . 13.14 4.93 18.04
C3 GOL E . 14.12 6.94 17.14
O3 GOL E . 13.69 7.54 18.36
C1 GOL F . 9.24 -3.25 -5.41
O1 GOL F . 9.81 -4.55 -5.54
C2 GOL F . 8.53 -3.11 -4.09
O2 GOL F . 7.71 -1.94 -4.09
C3 GOL F . 9.48 -3.19 -2.89
O3 GOL F . 10.45 -2.15 -2.80
#